data_2QSW
#
_entry.id   2QSW
#
_cell.length_a   38.896
_cell.length_b   38.896
_cell.length_c   111.938
_cell.angle_alpha   90.00
_cell.angle_beta   90.00
_cell.angle_gamma   90.00
#
_symmetry.space_group_name_H-M   'P 43 2 2'
#
loop_
_entity.id
_entity.type
_entity.pdbx_description
1 polymer 'Methionine import ATP-binding protein metN 2'
2 non-polymer 'ZINC ION'
3 non-polymer GLYCEROL
4 water water
#
_entity_poly.entity_id   1
_entity_poly.type   'polypeptide(L)'
_entity_poly.pdbx_seq_one_letter_code
;SNAKNIEETELVVEE(MSE)LEQYPNGKIVRLLFHGEQAKLPIISHIVQEYQVEVSIIQGNIQQTKQGAVGSLYIQLLGE
EQNILAAIEGLRKLRVETEVIGNE
;
_entity_poly.pdbx_strand_id   A
#
# COMPACT_ATOMS: atom_id res chain seq x y z
N LEU A 11 7.42 -17.98 -1.16
CA LEU A 11 6.52 -16.80 -0.94
C LEU A 11 5.12 -16.86 -0.36
N VAL A 12 4.08 -17.13 -1.17
CA VAL A 12 4.12 -17.13 -2.65
C VAL A 12 3.11 -16.06 -3.02
N VAL A 13 3.60 -14.93 -3.52
CA VAL A 13 2.73 -13.76 -3.68
C VAL A 13 1.52 -14.06 -4.56
N GLU A 14 1.64 -15.01 -5.51
CA GLU A 14 0.50 -15.29 -6.40
C GLU A 14 -0.68 -15.84 -5.62
N GLU A 15 -0.45 -16.37 -4.42
CA GLU A 15 -1.59 -16.77 -3.57
C GLU A 15 -2.45 -15.57 -3.12
N LEU A 17 -2.81 -12.90 -5.10
CA LEU A 17 -3.56 -12.58 -6.32
C LEU A 17 -4.74 -13.54 -6.51
N GLU A 18 -4.51 -14.77 -6.10
CA GLU A 18 -5.54 -15.76 -6.22
C GLU A 18 -6.71 -15.44 -5.30
N GLN A 19 -6.45 -15.02 -4.06
CA GLN A 19 -7.54 -14.80 -3.12
CA GLN A 19 -7.52 -14.81 -3.10
C GLN A 19 -8.19 -13.44 -3.23
N TYR A 20 -7.47 -12.47 -3.79
CA TYR A 20 -7.93 -11.09 -3.86
CA TYR A 20 -7.91 -11.08 -3.86
C TYR A 20 -7.75 -10.61 -5.30
N PRO A 21 -8.63 -11.09 -6.21
CA PRO A 21 -8.45 -10.90 -7.64
C PRO A 21 -8.65 -9.50 -8.23
N ASN A 22 -9.56 -8.75 -7.67
CA ASN A 22 -9.89 -7.44 -8.25
C ASN A 22 -8.88 -6.35 -7.87
N GLY A 23 -8.91 -5.23 -8.58
CA GLY A 23 -7.99 -4.14 -8.25
C GLY A 23 -6.54 -4.55 -8.44
N LYS A 24 -5.65 -4.00 -7.60
CA LYS A 24 -4.23 -4.30 -7.64
C LYS A 24 -3.75 -4.60 -6.25
N ILE A 25 -2.82 -5.52 -6.12
CA ILE A 25 -2.19 -5.82 -4.84
C ILE A 25 -0.79 -5.25 -4.84
N VAL A 26 -0.48 -4.46 -3.82
CA VAL A 26 0.77 -3.74 -3.74
C VAL A 26 1.45 -4.03 -2.42
N ARG A 27 2.77 -4.02 -2.45
CA ARG A 27 3.60 -4.12 -1.26
C ARG A 27 4.14 -2.74 -0.95
N LEU A 28 3.91 -2.27 0.28
CA LEU A 28 4.35 -0.98 0.80
C LEU A 28 5.48 -1.28 1.78
N LEU A 29 6.58 -0.53 1.67
CA LEU A 29 7.70 -0.61 2.63
C LEU A 29 7.84 0.67 3.42
N PHE A 30 8.09 0.52 4.74
CA PHE A 30 8.22 1.64 5.68
C PHE A 30 9.58 1.50 6.31
N HIS A 31 10.45 2.51 6.14
CA HIS A 31 11.79 2.50 6.73
C HIS A 31 11.94 3.59 7.79
N GLY A 32 10.88 4.30 8.10
CA GLY A 32 10.87 5.40 9.06
C GLY A 32 11.03 6.76 8.44
N GLU A 33 11.34 6.79 7.13
CA GLU A 33 11.45 8.03 6.41
C GLU A 33 10.14 8.52 5.77
N GLN A 34 9.11 7.68 5.83
CA GLN A 34 7.83 8.02 5.22
C GLN A 34 7.21 9.29 5.79
N ALA A 35 6.37 9.92 4.98
CA ALA A 35 5.65 11.11 5.36
C ALA A 35 4.96 10.91 6.72
N LYS A 36 5.03 11.93 7.57
CA LYS A 36 4.42 11.89 8.91
C LYS A 36 3.00 12.39 8.82
N LEU A 37 2.17 11.54 8.22
CA LEU A 37 0.75 11.76 8.16
C LEU A 37 0.05 10.39 8.15
N PRO A 38 -1.27 10.38 8.36
CA PRO A 38 -2.02 9.11 8.40
C PRO A 38 -2.16 8.52 6.99
N ILE A 39 -1.15 7.78 6.60
CA ILE A 39 -0.91 7.39 5.19
CA ILE A 39 -0.93 7.46 5.19
C ILE A 39 -2.11 6.71 4.55
N ILE A 40 -2.64 5.70 5.23
CA ILE A 40 -3.69 4.89 4.56
C ILE A 40 -4.95 5.70 4.39
N SER A 41 -5.40 6.40 5.42
CA SER A 41 -6.60 7.25 5.22
C SER A 41 -6.34 8.37 4.22
N HIS A 42 -5.13 8.91 4.22
CA HIS A 42 -4.79 9.98 3.32
C HIS A 42 -5.02 9.57 1.83
N ILE A 43 -4.51 8.39 1.49
CA ILE A 43 -4.66 7.91 0.12
CA ILE A 43 -4.64 7.83 0.15
C ILE A 43 -6.10 7.48 -0.19
N VAL A 44 -6.81 6.90 0.79
CA VAL A 44 -8.19 6.56 0.59
C VAL A 44 -8.99 7.77 0.17
N GLN A 45 -8.80 8.87 0.88
CA GLN A 45 -9.56 10.08 0.67
CA GLN A 45 -9.59 10.07 0.65
C GLN A 45 -9.12 10.81 -0.60
N GLU A 46 -7.82 10.86 -0.82
CA GLU A 46 -7.33 11.65 -1.94
C GLU A 46 -7.58 10.99 -3.28
N TYR A 47 -7.42 9.66 -3.33
CA TYR A 47 -7.48 8.92 -4.58
C TYR A 47 -8.76 8.11 -4.75
N GLN A 48 -9.64 8.10 -3.77
CA GLN A 48 -10.90 7.36 -3.86
C GLN A 48 -10.66 5.91 -4.15
N VAL A 49 -9.77 5.35 -3.34
CA VAL A 49 -9.49 3.93 -3.37
C VAL A 49 -9.89 3.25 -2.09
N GLU A 50 -10.28 1.98 -2.20
CA GLU A 50 -10.50 1.13 -1.04
CA GLU A 50 -10.51 1.15 -1.03
C GLU A 50 -9.25 0.33 -0.72
N VAL A 51 -9.11 -0.06 0.55
CA VAL A 51 -7.92 -0.73 1.04
C VAL A 51 -8.30 -1.92 1.91
N SER A 52 -7.75 -3.07 1.56
CA SER A 52 -7.83 -4.28 2.35
C SER A 52 -6.43 -4.72 2.68
N ILE A 53 -6.11 -4.94 3.95
CA ILE A 53 -4.85 -5.48 4.35
C ILE A 53 -4.84 -7.00 4.21
N ILE A 54 -3.90 -7.49 3.41
CA ILE A 54 -3.72 -8.90 3.15
C ILE A 54 -2.72 -9.55 4.10
N GLN A 55 -1.60 -8.87 4.30
CA GLN A 55 -0.52 -9.39 5.13
CA GLN A 55 -0.46 -9.39 5.05
C GLN A 55 0.34 -8.21 5.54
N GLY A 56 0.98 -8.29 6.69
CA GLY A 56 1.82 -7.18 7.09
C GLY A 56 2.66 -7.50 8.30
N ASN A 57 3.76 -6.79 8.44
CA ASN A 57 4.54 -6.80 9.64
C ASN A 57 5.16 -5.43 9.79
N ILE A 58 4.66 -4.69 10.79
CA ILE A 58 5.13 -3.36 11.08
CA ILE A 58 5.06 -3.32 11.10
C ILE A 58 5.48 -3.26 12.57
N GLN A 59 6.62 -2.67 12.84
CA GLN A 59 7.08 -2.51 14.23
C GLN A 59 7.47 -1.08 14.46
N GLN A 60 7.29 -0.61 15.69
CA GLN A 60 7.75 0.74 16.04
CA GLN A 60 7.77 0.71 16.09
C GLN A 60 9.25 0.63 16.44
N THR A 61 10.06 1.51 15.90
CA THR A 61 11.50 1.52 16.23
C THR A 61 11.83 2.96 16.54
N LYS A 62 13.08 3.24 16.92
CA LYS A 62 13.48 4.63 17.14
C LYS A 62 13.40 5.46 15.84
N GLN A 63 13.48 4.77 14.69
CA GLN A 63 13.36 5.40 13.38
CA GLN A 63 13.37 5.45 13.42
C GLN A 63 11.93 5.70 12.99
N GLY A 64 10.96 5.13 13.73
CA GLY A 64 9.52 5.27 13.43
C GLY A 64 8.91 3.90 13.04
N ALA A 65 7.80 3.89 12.32
CA ALA A 65 7.17 2.62 11.92
C ALA A 65 7.99 2.01 10.80
N VAL A 66 8.40 0.78 10.97
CA VAL A 66 9.22 0.06 9.98
C VAL A 66 8.64 -1.31 9.66
N GLY A 67 8.67 -1.69 8.39
CA GLY A 67 8.21 -2.97 7.95
C GLY A 67 7.51 -2.95 6.60
N SER A 68 6.58 -3.89 6.41
CA SER A 68 5.91 -4.03 5.13
C SER A 68 4.42 -4.30 5.33
N LEU A 69 3.65 -3.91 4.33
CA LEU A 69 2.22 -4.12 4.29
CA LEU A 69 2.21 -4.13 4.29
C LEU A 69 1.85 -4.50 2.88
N TYR A 70 1.11 -5.59 2.72
CA TYR A 70 0.54 -5.96 1.41
C TYR A 70 -0.96 -5.61 1.47
N ILE A 71 -1.38 -4.76 0.54
CA ILE A 71 -2.74 -4.29 0.49
C ILE A 71 -3.35 -4.46 -0.87
N GLN A 72 -4.63 -4.72 -0.88
CA GLN A 72 -5.42 -4.66 -2.10
C GLN A 72 -6.03 -3.26 -2.25
N LEU A 73 -5.74 -2.59 -3.36
CA LEU A 73 -6.38 -1.35 -3.72
C LEU A 73 -7.50 -1.60 -4.70
N LEU A 74 -8.69 -1.07 -4.43
CA LEU A 74 -9.82 -1.10 -5.35
C LEU A 74 -10.21 0.30 -5.76
N GLY A 75 -10.66 0.43 -7.00
CA GLY A 75 -11.11 1.71 -7.53
C GLY A 75 -10.85 1.74 -9.02
N GLU A 76 -11.07 2.90 -9.61
CA GLU A 76 -10.83 3.09 -11.03
CA GLU A 76 -10.83 3.05 -11.03
C GLU A 76 -9.34 2.90 -11.29
N GLU A 77 -8.99 2.34 -12.44
CA GLU A 77 -7.63 2.06 -12.77
C GLU A 77 -6.71 3.26 -12.60
N GLN A 78 -7.07 4.40 -13.14
CA GLN A 78 -6.24 5.59 -13.10
CA GLN A 78 -6.15 5.53 -13.09
C GLN A 78 -6.02 6.04 -11.65
N ASN A 79 -7.08 5.90 -10.84
CA ASN A 79 -6.95 6.27 -9.42
CA ASN A 79 -7.00 6.25 -9.41
C ASN A 79 -6.05 5.34 -8.64
N ILE A 80 -6.13 4.05 -8.91
CA ILE A 80 -5.21 3.11 -8.29
C ILE A 80 -3.77 3.46 -8.68
N LEU A 81 -3.50 3.65 -9.95
CA LEU A 81 -2.16 4.01 -10.41
C LEU A 81 -1.65 5.28 -9.71
N ALA A 82 -2.49 6.28 -9.62
CA ALA A 82 -2.14 7.57 -9.01
C ALA A 82 -1.85 7.35 -7.50
N ALA A 83 -2.64 6.49 -6.84
CA ALA A 83 -2.46 6.23 -5.40
C ALA A 83 -1.11 5.55 -5.17
N ILE A 84 -0.74 4.64 -6.07
CA ILE A 84 0.52 3.96 -5.96
C ILE A 84 1.69 4.95 -6.09
N GLU A 85 1.67 5.79 -7.13
CA GLU A 85 2.74 6.82 -7.26
C GLU A 85 2.67 7.79 -6.08
N GLY A 86 1.44 8.08 -5.60
CA GLY A 86 1.27 8.95 -4.42
C GLY A 86 2.02 8.42 -3.21
N LEU A 87 1.85 7.13 -2.92
CA LEU A 87 2.59 6.46 -1.86
C LEU A 87 4.08 6.64 -2.03
N ARG A 88 4.57 6.41 -3.26
CA ARG A 88 6.01 6.55 -3.51
CA ARG A 88 6.01 6.53 -3.49
C ARG A 88 6.49 7.96 -3.21
N LYS A 89 5.72 8.94 -3.62
CA LYS A 89 6.08 10.36 -3.41
C LYS A 89 6.06 10.74 -1.93
N LEU A 90 5.16 10.09 -1.19
CA LEU A 90 5.09 10.19 0.27
C LEU A 90 6.18 9.34 0.97
N ARG A 91 7.14 8.79 0.21
CA ARG A 91 8.32 8.07 0.73
C ARG A 91 7.96 6.72 1.32
N VAL A 92 6.93 6.11 0.72
CA VAL A 92 6.57 4.75 0.95
C VAL A 92 6.83 3.98 -0.35
N GLU A 93 7.90 3.21 -0.39
CA GLU A 93 8.24 2.41 -1.58
C GLU A 93 7.12 1.39 -1.82
N THR A 94 6.62 1.34 -3.05
CA THR A 94 5.42 0.58 -3.35
C THR A 94 5.61 -0.10 -4.68
N GLU A 95 5.23 -1.37 -4.73
CA GLU A 95 5.18 -2.05 -6.00
C GLU A 95 4.08 -3.09 -6.11
N VAL A 96 3.58 -3.21 -7.33
CA VAL A 96 2.50 -4.12 -7.64
C VAL A 96 3.10 -5.51 -7.69
N ILE A 97 2.54 -6.41 -6.90
CA ILE A 97 3.05 -7.78 -6.82
C ILE A 97 2.76 -8.54 -8.12
N GLY A 98 3.46 -9.65 -8.35
CA GLY A 98 3.23 -10.46 -9.56
C GLY A 98 3.95 -10.01 -10.82
N ASN A 99 4.90 -9.10 -10.63
CA ASN A 99 5.70 -8.61 -11.76
C ASN A 99 7.16 -9.01 -11.71
N GLU A 100 7.47 -10.07 -10.96
CA GLU A 100 8.80 -10.63 -10.95
C GLU A 100 8.70 -11.93 -11.77
#